data_4EYE
#
_entry.id   4EYE
#
_cell.length_a   78.640
_cell.length_b   46.340
_cell.length_c   84.130
_cell.angle_alpha   90.000
_cell.angle_beta   93.140
_cell.angle_gamma   90.000
#
_symmetry.space_group_name_H-M   'P 1 21 1'
#
loop_
_entity.id
_entity.type
_entity.pdbx_description
1 polymer 'Probable oxidoreductase'
2 non-polymer (4S)-2-METHYL-2,4-PENTANEDIOL
3 non-polymer 'IODIDE ION'
4 water water
#
_entity_poly.entity_id   1
_entity_poly.type   'polypeptide(L)'
_entity_poly.pdbx_seq_one_letter_code
;MAHHHHHHMGTLEAQTQGPGSMKAIQAQSLSGPEGLVYTDVETPGAGPNVVVVDVKAAGVCFPDYLMTKGEYQLKMEPPF
VPGIETAGVVRSAPEGSGIKPGDRVMAFNFIGGYAERVAVAPSNILPTPPQLDDAEAVALIANYHTMYFAYARRGQLRAG
ETVLVLGAAGGIGTAAIQIAKGMGAKVIAVVNRTAATEFVKSVGADIVLPLEEGWAKAVREATGGAGVDMVVDPIGGPAF
DDAVRTLASEGRLLVVGFAAGGIPTIKVNRLLLRNASLIGVAWGEFLRTHADYLYETQAGLEKLVAEGMRPPVSARIPLS
EGRQALQDFADGKVYGKMVLVP
;
_entity_poly.pdbx_strand_id   A,B
#
# COMPACT_ATOMS: atom_id res chain seq x y z
N GLY A 18 16.44 28.12 13.28
CA GLY A 18 15.09 27.53 13.51
C GLY A 18 14.93 26.04 13.20
N PRO A 19 13.91 25.40 13.80
CA PRO A 19 13.71 23.93 13.62
C PRO A 19 13.33 23.39 12.20
N GLY A 20 12.66 24.18 11.35
CA GLY A 20 12.26 23.67 10.00
C GLY A 20 10.86 23.03 10.07
N SER A 21 10.24 22.78 8.91
CA SER A 21 8.89 22.21 8.88
C SER A 21 8.77 20.94 8.01
N MET A 22 7.70 20.16 8.29
CA MET A 22 7.38 18.88 7.61
C MET A 22 5.87 18.83 7.38
N LYS A 23 5.41 17.93 6.51
CA LYS A 23 4.01 17.67 6.34
C LYS A 23 3.49 16.71 7.39
N ALA A 24 2.24 16.94 7.78
CA ALA A 24 1.54 16.12 8.73
C ALA A 24 0.05 16.34 8.57
N ILE A 25 -0.72 15.36 9.05
CA ILE A 25 -2.15 15.50 9.20
C ILE A 25 -2.34 15.97 10.64
N GLN A 26 -3.08 17.07 10.80
CA GLN A 26 -3.31 17.69 12.09
C GLN A 26 -4.82 17.84 12.34
N ALA A 27 -5.27 17.32 13.47
CA ALA A 27 -6.61 17.53 13.93
C ALA A 27 -6.72 18.99 14.38
N GLN A 28 -7.60 19.74 13.72
CA GLN A 28 -7.81 21.15 14.03
C GLN A 28 -9.12 21.40 14.76
N SER A 29 -9.83 20.32 15.08
CA SER A 29 -11.02 20.38 15.93
C SER A 29 -11.24 18.96 16.47
N LEU A 30 -12.23 18.78 17.34
CA LEU A 30 -12.61 17.45 17.78
C LEU A 30 -13.86 16.96 17.05
N SER A 31 -13.96 17.30 15.77
CA SER A 31 -15.13 16.93 14.95
C SER A 31 -14.92 15.57 14.23
N GLY A 32 -13.90 14.80 14.59
CA GLY A 32 -13.62 13.56 13.89
C GLY A 32 -12.79 13.81 12.62
N PRO A 33 -12.82 12.86 11.67
CA PRO A 33 -12.03 12.95 10.41
C PRO A 33 -12.17 14.27 9.65
N GLU A 34 -13.38 14.85 9.65
CA GLU A 34 -13.67 16.13 9.01
C GLU A 34 -12.76 17.22 9.47
N GLY A 35 -12.28 17.17 10.72
CA GLY A 35 -11.38 18.21 11.22
C GLY A 35 -9.90 18.03 10.90
N LEU A 36 -9.58 17.03 10.09
CA LEU A 36 -8.19 16.71 9.83
C LEU A 36 -7.71 17.51 8.63
N VAL A 37 -6.54 18.13 8.75
CA VAL A 37 -5.98 18.96 7.69
C VAL A 37 -4.52 18.55 7.43
N TYR A 38 -4.16 18.41 6.17
CA TYR A 38 -2.79 18.12 5.74
C TYR A 38 -2.06 19.45 5.67
N THR A 39 -1.05 19.63 6.49
CA THR A 39 -0.50 20.97 6.71
C THR A 39 0.94 20.89 7.12
N ASP A 40 1.57 22.04 7.33
CA ASP A 40 2.95 22.07 7.77
C ASP A 40 3.02 22.19 9.27
N VAL A 41 3.98 21.52 9.88
CA VAL A 41 4.17 21.53 11.32
C VAL A 41 5.68 21.52 11.59
N GLU A 42 6.05 21.87 12.80
CA GLU A 42 7.47 21.82 13.20
C GLU A 42 8.05 20.40 13.08
N THR A 43 9.24 20.32 12.49
CA THR A 43 10.00 19.10 12.40
C THR A 43 10.62 18.85 13.79
N PRO A 44 10.45 17.65 14.35
CA PRO A 44 10.77 17.31 15.73
C PRO A 44 12.10 17.77 16.31
N GLY A 45 13.19 17.43 15.68
CA GLY A 45 14.52 17.80 16.26
C GLY A 45 15.19 16.73 17.12
N ALA A 46 16.47 16.45 16.81
CA ALA A 46 17.33 15.58 17.59
C ALA A 46 17.53 16.08 19.04
N GLY A 47 17.77 15.15 19.94
CA GLY A 47 17.84 15.48 21.35
C GLY A 47 18.48 14.34 22.07
N PRO A 48 19.02 14.60 23.26
CA PRO A 48 19.84 13.57 23.89
C PRO A 48 19.03 12.38 24.40
N ASN A 49 17.70 12.51 24.52
CA ASN A 49 16.88 11.38 24.91
C ASN A 49 15.73 11.12 23.93
N VAL A 50 15.92 11.42 22.65
CA VAL A 50 14.91 11.13 21.65
C VAL A 50 15.48 10.46 20.42
N VAL A 51 14.66 9.64 19.79
CA VAL A 51 14.99 8.98 18.55
C VAL A 51 14.05 9.59 17.56
N VAL A 52 14.58 10.13 16.48
CA VAL A 52 13.78 10.67 15.41
C VAL A 52 13.76 9.62 14.31
N VAL A 53 12.55 9.30 13.86
CA VAL A 53 12.29 8.28 12.81
C VAL A 53 11.69 8.99 11.61
N ASP A 54 12.26 8.72 10.41
CA ASP A 54 11.62 9.04 9.16
C ASP A 54 10.52 8.02 8.87
N VAL A 55 9.28 8.49 8.88
CA VAL A 55 8.11 7.61 8.84
C VAL A 55 7.93 7.13 7.40
N LYS A 56 7.90 5.80 7.22
CA LYS A 56 7.52 5.20 5.95
C LYS A 56 6.11 4.64 5.93
N ALA A 57 5.58 4.26 7.10
CA ALA A 57 4.22 3.86 7.17
C ALA A 57 3.69 4.26 8.59
N ALA A 58 2.54 4.88 8.63
CA ALA A 58 1.85 5.25 9.88
C ALA A 58 0.59 4.43 10.00
N GLY A 59 0.45 3.69 11.08
CA GLY A 59 -0.75 2.91 11.27
C GLY A 59 -1.96 3.76 11.57
N VAL A 60 -3.11 3.34 11.06
CA VAL A 60 -4.41 3.86 11.47
C VAL A 60 -4.99 2.83 12.46
N CYS A 61 -5.31 3.28 13.66
CA CYS A 61 -5.95 2.41 14.65
C CYS A 61 -7.18 3.11 15.28
N PHE A 62 -7.97 2.33 16.00
CA PHE A 62 -9.19 2.83 16.60
C PHE A 62 -8.93 3.99 17.58
N PRO A 63 -7.89 3.90 18.42
CA PRO A 63 -7.60 5.06 19.30
C PRO A 63 -7.36 6.37 18.55
N ASP A 64 -6.69 6.30 17.39
CA ASP A 64 -6.44 7.49 16.58
C ASP A 64 -7.75 8.15 16.24
N TYR A 65 -8.65 7.35 15.70
CA TYR A 65 -9.97 7.81 15.30
C TYR A 65 -10.77 8.42 16.49
N LEU A 66 -10.77 7.71 17.61
CA LEU A 66 -11.42 8.19 18.83
C LEU A 66 -10.86 9.54 19.24
N MET A 67 -9.53 9.70 19.12
CA MET A 67 -8.88 10.93 19.51
C MET A 67 -9.35 12.09 18.64
N THR A 68 -9.56 11.83 17.35
CA THR A 68 -10.07 12.87 16.47
C THR A 68 -11.48 13.36 16.85
N LYS A 69 -12.22 12.55 17.60
CA LYS A 69 -13.55 12.94 18.10
C LYS A 69 -13.59 13.39 19.55
N GLY A 70 -12.43 13.44 20.21
CA GLY A 70 -12.34 13.68 21.64
C GLY A 70 -13.01 12.60 22.49
N GLU A 71 -13.01 11.35 22.00
CA GLU A 71 -13.69 10.24 22.68
C GLU A 71 -12.76 9.16 23.17
N TYR A 72 -11.46 9.41 23.11
CA TYR A 72 -10.49 8.45 23.58
C TYR A 72 -10.25 8.65 25.07
N GLN A 73 -9.82 7.61 25.77
CA GLN A 73 -9.58 7.70 27.22
C GLN A 73 -8.70 8.90 27.57
N LEU A 74 -7.73 9.22 26.71
CA LEU A 74 -6.94 10.42 26.87
C LEU A 74 -7.42 11.45 25.86
N LYS A 75 -7.81 12.62 26.37
CA LYS A 75 -8.35 13.68 25.53
C LYS A 75 -7.23 14.61 25.09
N MET A 76 -6.84 14.55 23.82
CA MET A 76 -5.89 15.50 23.31
C MET A 76 -6.67 16.73 22.79
N GLU A 77 -6.11 17.91 23.04
CA GLU A 77 -6.73 19.15 22.60
C GLU A 77 -6.12 19.58 21.28
N PRO A 78 -6.95 19.89 20.27
CA PRO A 78 -6.41 20.46 19.05
C PRO A 78 -5.69 21.81 19.24
N PRO A 79 -4.76 22.12 18.36
CA PRO A 79 -4.33 21.28 17.24
C PRO A 79 -3.35 20.17 17.66
N PHE A 80 -3.45 18.97 17.08
CA PHE A 80 -2.48 17.90 17.36
C PHE A 80 -2.39 16.92 16.18
N VAL A 81 -1.21 16.32 16.03
CA VAL A 81 -1.00 15.29 14.98
C VAL A 81 -1.38 13.95 15.57
N PRO A 82 -2.45 13.31 15.06
CA PRO A 82 -2.76 11.97 15.54
C PRO A 82 -1.77 10.93 15.07
N GLY A 83 -1.86 9.75 15.69
CA GLY A 83 -1.14 8.56 15.18
C GLY A 83 -0.20 8.01 16.21
N ILE A 84 -0.51 6.80 16.64
CA ILE A 84 0.24 6.14 17.68
C ILE A 84 1.37 5.27 17.14
N GLU A 85 1.22 4.74 15.95
CA GLU A 85 2.07 3.65 15.45
C GLU A 85 2.80 4.11 14.21
N THR A 86 4.12 3.96 14.18
CA THR A 86 4.95 4.26 12.97
C THR A 86 6.01 3.21 12.74
N ALA A 87 6.44 3.11 11.48
CA ALA A 87 7.56 2.34 11.11
C ALA A 87 8.32 3.11 10.03
N GLY A 88 9.65 3.05 10.11
CA GLY A 88 10.49 3.74 9.14
C GLY A 88 11.98 3.54 9.43
N VAL A 89 12.76 4.62 9.28
CA VAL A 89 14.21 4.54 9.34
C VAL A 89 14.67 5.57 10.32
N VAL A 90 15.51 5.16 11.23
CA VAL A 90 16.05 6.08 12.20
C VAL A 90 16.89 7.15 11.51
N ARG A 91 16.64 8.41 11.84
CA ARG A 91 17.43 9.58 11.46
C ARG A 91 18.45 9.97 12.56
N SER A 92 18.03 10.05 13.81
CA SER A 92 18.94 10.26 14.93
C SER A 92 18.49 9.46 16.17
N ALA A 93 19.47 9.21 17.03
CA ALA A 93 19.28 8.43 18.24
C ALA A 93 20.46 8.70 19.21
N PRO A 94 20.20 8.63 20.53
CA PRO A 94 21.28 8.88 21.47
C PRO A 94 22.35 7.78 21.53
N GLU A 95 23.55 8.18 21.96
CA GLU A 95 24.65 7.25 22.22
C GLU A 95 24.24 6.28 23.28
N GLY A 96 24.56 5.02 23.07
CA GLY A 96 24.29 4.04 24.08
C GLY A 96 22.86 3.51 24.09
N SER A 97 21.99 4.03 23.21
CA SER A 97 20.64 3.50 23.13
C SER A 97 20.65 2.14 22.42
N GLY A 98 21.74 1.86 21.70
CA GLY A 98 21.82 0.69 20.83
C GLY A 98 21.01 0.86 19.55
N ILE A 99 20.56 2.08 19.26
CA ILE A 99 19.81 2.40 18.05
C ILE A 99 20.68 3.32 17.22
N LYS A 100 20.76 3.09 15.91
CA LYS A 100 21.61 3.87 15.01
C LYS A 100 20.87 4.42 13.82
N PRO A 101 21.31 5.60 13.32
CA PRO A 101 20.78 6.12 12.05
C PRO A 101 20.83 5.04 10.97
N GLY A 102 19.75 4.93 10.19
CA GLY A 102 19.66 3.86 9.19
C GLY A 102 18.95 2.60 9.63
N ASP A 103 18.79 2.39 10.94
CA ASP A 103 18.11 1.23 11.44
C ASP A 103 16.62 1.31 11.01
N ARG A 104 16.10 0.17 10.60
CA ARG A 104 14.67 0.01 10.33
C ARG A 104 13.97 -0.31 11.67
N VAL A 105 13.07 0.56 12.09
CA VAL A 105 12.47 0.47 13.42
C VAL A 105 10.94 0.67 13.35
N MET A 106 10.28 0.12 14.37
CA MET A 106 8.91 0.39 14.73
C MET A 106 8.93 1.33 15.94
N ALA A 107 7.94 2.23 16.02
CA ALA A 107 7.90 3.24 17.04
C ALA A 107 6.44 3.41 17.53
N PHE A 108 6.29 3.70 18.81
CA PHE A 108 4.99 4.10 19.29
C PHE A 108 5.06 5.32 20.15
N ASN A 109 4.04 6.16 20.05
CA ASN A 109 3.86 7.31 20.97
C ASN A 109 2.36 7.66 21.09
N PHE A 110 1.98 8.59 21.96
CA PHE A 110 0.55 8.93 22.09
C PHE A 110 0.06 9.77 20.93
N ILE A 111 0.96 10.54 20.30
CA ILE A 111 0.64 11.41 19.17
C ILE A 111 1.81 11.42 18.18
N GLY A 112 1.60 12.06 17.05
CA GLY A 112 2.67 12.45 16.12
C GLY A 112 2.90 11.52 14.93
N GLY A 113 2.14 10.43 14.87
CA GLY A 113 2.37 9.41 13.85
C GLY A 113 2.10 9.80 12.43
N TYR A 114 1.07 10.67 12.23
CA TYR A 114 0.62 11.00 10.88
C TYR A 114 1.48 12.14 10.31
N ALA A 115 2.75 11.86 10.13
CA ALA A 115 3.75 12.91 9.88
C ALA A 115 4.98 12.30 9.16
N GLU A 116 5.76 13.15 8.52
CA GLU A 116 6.95 12.68 7.80
C GLU A 116 8.02 12.22 8.75
N ARG A 117 8.07 12.83 9.95
CA ARG A 117 8.99 12.41 10.99
C ARG A 117 8.31 12.41 12.36
N VAL A 118 8.80 11.53 13.24
CA VAL A 118 8.30 11.43 14.60
C VAL A 118 9.47 11.28 15.60
N ALA A 119 9.33 11.95 16.75
CA ALA A 119 10.31 11.88 17.83
C ALA A 119 9.72 10.99 18.90
N VAL A 120 10.43 9.98 19.34
CA VAL A 120 9.91 9.09 20.38
C VAL A 120 11.00 8.71 21.36
N ALA A 121 10.60 8.24 22.53
CA ALA A 121 11.57 7.87 23.56
C ALA A 121 12.28 6.59 23.07
N PRO A 122 13.55 6.46 23.43
CA PRO A 122 14.27 5.22 23.06
C PRO A 122 13.58 3.97 23.56
N SER A 123 12.90 4.03 24.69
CA SER A 123 12.19 2.86 25.19
C SER A 123 10.98 2.50 24.30
N ASN A 124 10.58 3.40 23.39
CA ASN A 124 9.41 3.17 22.53
C ASN A 124 9.82 2.75 21.07
N ILE A 125 11.03 2.22 20.93
CA ILE A 125 11.57 1.85 19.63
C ILE A 125 11.78 0.33 19.64
N LEU A 126 11.39 -0.34 18.56
CA LEU A 126 11.64 -1.77 18.39
C LEU A 126 12.23 -2.03 16.99
N PRO A 127 13.15 -3.02 16.89
CA PRO A 127 13.70 -3.39 15.62
C PRO A 127 12.68 -4.07 14.71
N THR A 128 12.60 -3.58 13.46
CA THR A 128 11.66 -4.11 12.48
C THR A 128 12.08 -5.50 12.00
N PRO A 129 11.18 -6.52 12.06
CA PRO A 129 11.60 -7.86 11.59
C PRO A 129 12.06 -7.81 10.14
N PRO A 130 13.20 -8.42 9.84
CA PRO A 130 13.72 -8.26 8.46
C PRO A 130 12.83 -8.86 7.39
N GLN A 131 11.93 -9.76 7.74
CA GLN A 131 11.05 -10.36 6.73
C GLN A 131 9.93 -9.40 6.27
N LEU A 132 9.70 -8.31 7.01
CA LEU A 132 8.53 -7.46 6.79
C LEU A 132 8.88 -6.19 6.08
N ASP A 133 7.96 -5.70 5.25
CA ASP A 133 8.07 -4.35 4.81
C ASP A 133 7.53 -3.38 5.90
N ASP A 134 7.68 -2.07 5.69
CA ASP A 134 7.31 -1.07 6.72
C ASP A 134 5.83 -1.03 7.07
N ALA A 135 4.96 -1.22 6.10
CA ALA A 135 3.51 -1.36 6.37
C ALA A 135 3.18 -2.58 7.25
N GLU A 136 3.74 -3.72 6.89
CA GLU A 136 3.55 -4.95 7.67
C GLU A 136 4.11 -4.79 9.06
N ALA A 137 5.25 -4.10 9.17
CA ALA A 137 5.89 -3.84 10.46
C ALA A 137 5.04 -2.91 11.32
N VAL A 138 4.55 -1.83 10.73
CA VAL A 138 3.68 -0.92 11.56
C VAL A 138 2.45 -1.65 12.03
N ALA A 139 1.96 -2.57 11.20
CA ALA A 139 0.76 -3.29 11.52
C ALA A 139 0.92 -4.14 12.80
N LEU A 140 2.12 -4.63 13.05
CA LEU A 140 2.47 -5.35 14.27
C LEU A 140 2.25 -4.52 15.53
N ILE A 141 2.41 -3.20 15.47
CA ILE A 141 2.67 -2.42 16.68
C ILE A 141 1.60 -2.44 17.77
N ALA A 142 0.43 -1.87 17.53
CA ALA A 142 -0.64 -1.93 18.52
C ALA A 142 -1.31 -3.30 18.50
N ASN A 143 -1.74 -3.75 17.33
CA ASN A 143 -2.60 -4.91 17.30
C ASN A 143 -1.96 -6.26 17.67
N TYR A 144 -0.73 -6.51 17.21
CA TYR A 144 -0.07 -7.80 17.41
C TYR A 144 0.54 -7.92 18.79
N HIS A 145 1.12 -6.84 19.31
CA HIS A 145 1.65 -6.89 20.66
C HIS A 145 0.54 -7.04 21.65
N THR A 146 -0.60 -6.37 21.43
CA THR A 146 -1.76 -6.53 22.27
C THR A 146 -2.25 -7.99 22.33
N MET A 147 -2.36 -8.61 21.16
CA MET A 147 -2.86 -9.96 21.06
C MET A 147 -1.83 -11.02 21.51
N TYR A 148 -0.54 -10.77 21.32
CA TYR A 148 0.49 -11.67 21.88
C TYR A 148 0.37 -11.68 23.41
N PHE A 149 0.39 -10.50 24.00
CA PHE A 149 0.12 -10.32 25.43
C PHE A 149 -1.17 -10.98 25.89
N ALA A 150 -2.28 -10.73 25.18
CA ALA A 150 -3.58 -11.32 25.55
C ALA A 150 -3.51 -12.83 25.60
N TYR A 151 -2.91 -13.40 24.57
CA TYR A 151 -2.79 -14.86 24.49
C TYR A 151 -1.75 -15.47 25.43
N ALA A 152 -0.56 -14.91 25.42
CA ALA A 152 0.54 -15.52 26.15
C ALA A 152 0.47 -15.24 27.63
N ARG A 153 0.14 -14.01 28.03
CA ARG A 153 0.21 -13.63 29.42
C ARG A 153 -1.14 -13.73 30.12
N ARG A 154 -2.19 -13.19 29.49
CA ARG A 154 -3.47 -13.08 30.18
C ARG A 154 -4.30 -14.33 30.10
N GLY A 155 -4.48 -14.84 28.88
CA GLY A 155 -5.37 -15.97 28.65
C GLY A 155 -4.70 -17.34 28.65
N GLN A 156 -3.37 -17.35 28.65
CA GLN A 156 -2.59 -18.57 28.57
C GLN A 156 -3.11 -19.59 27.51
N LEU A 157 -3.21 -19.13 26.27
CA LEU A 157 -3.63 -19.97 25.16
C LEU A 157 -2.70 -21.16 25.01
N ARG A 158 -3.24 -22.33 24.68
CA ARG A 158 -2.42 -23.49 24.48
C ARG A 158 -2.63 -24.04 23.09
N ALA A 159 -1.59 -24.66 22.53
CA ALA A 159 -1.73 -25.39 21.27
C ALA A 159 -2.92 -26.38 21.36
N GLY A 160 -3.73 -26.44 20.32
CA GLY A 160 -4.83 -27.41 20.27
C GLY A 160 -6.12 -26.89 20.89
N GLU A 161 -6.11 -25.72 21.54
CA GLU A 161 -7.37 -25.13 22.01
C GLU A 161 -8.13 -24.49 20.87
N THR A 162 -9.43 -24.23 21.07
CA THR A 162 -10.22 -23.55 20.10
C THR A 162 -10.55 -22.15 20.53
N VAL A 163 -10.31 -21.18 19.65
CA VAL A 163 -10.52 -19.77 19.94
C VAL A 163 -11.59 -19.21 19.04
N LEU A 164 -12.56 -18.53 19.65
CA LEU A 164 -13.57 -17.80 18.94
C LEU A 164 -13.09 -16.36 18.87
N VAL A 165 -12.96 -15.85 17.66
CA VAL A 165 -12.57 -14.45 17.44
C VAL A 165 -13.77 -13.69 16.91
N LEU A 166 -14.20 -12.68 17.65
CA LEU A 166 -15.30 -11.80 17.24
C LEU A 166 -14.70 -10.57 16.55
N GLY A 167 -15.55 -9.81 15.84
CA GLY A 167 -15.07 -8.62 15.07
C GLY A 167 -13.85 -8.97 14.19
N ALA A 168 -13.93 -10.14 13.57
CA ALA A 168 -12.75 -10.89 13.15
C ALA A 168 -11.99 -10.23 12.00
N ALA A 169 -12.67 -9.44 11.18
CA ALA A 169 -12.01 -8.71 10.03
C ALA A 169 -11.32 -7.38 10.42
N GLY A 170 -11.51 -6.91 11.65
CA GLY A 170 -10.93 -5.66 12.09
C GLY A 170 -9.45 -5.87 12.42
N GLY A 171 -8.79 -4.81 12.89
CA GLY A 171 -7.33 -4.86 13.14
C GLY A 171 -6.98 -5.88 14.22
N ILE A 172 -7.67 -5.77 15.33
CA ILE A 172 -7.43 -6.64 16.45
C ILE A 172 -7.82 -8.07 16.12
N GLY A 173 -8.99 -8.24 15.51
CA GLY A 173 -9.45 -9.55 15.09
C GLY A 173 -8.47 -10.29 14.19
N THR A 174 -7.91 -9.58 13.20
CA THR A 174 -6.95 -10.16 12.28
C THR A 174 -5.67 -10.66 12.97
N ALA A 175 -5.12 -9.79 13.84
CA ALA A 175 -4.01 -10.20 14.68
C ALA A 175 -4.40 -11.40 15.57
N ALA A 176 -5.61 -11.38 16.06
CA ALA A 176 -6.10 -12.44 16.98
C ALA A 176 -6.16 -13.80 16.24
N ILE A 177 -6.55 -13.76 14.96
CA ILE A 177 -6.55 -14.95 14.13
C ILE A 177 -5.12 -15.45 13.86
N GLN A 178 -4.25 -14.58 13.36
CA GLN A 178 -2.97 -15.03 12.85
C GLN A 178 -2.10 -15.49 14.01
N ILE A 179 -2.15 -14.78 15.13
CA ILE A 179 -1.39 -15.20 16.28
C ILE A 179 -1.89 -16.54 16.89
N ALA A 180 -3.19 -16.71 16.99
CA ALA A 180 -3.77 -17.96 17.50
C ALA A 180 -3.34 -19.15 16.61
N LYS A 181 -3.42 -18.95 15.30
CA LYS A 181 -3.02 -20.01 14.35
C LYS A 181 -1.53 -20.27 14.51
N GLY A 182 -0.78 -19.19 14.67
CA GLY A 182 0.64 -19.28 14.91
C GLY A 182 0.98 -20.07 16.16
N MET A 183 0.13 -19.97 17.19
CA MET A 183 0.35 -20.68 18.44
C MET A 183 -0.26 -22.10 18.46
N GLY A 184 -0.71 -22.59 17.33
CA GLY A 184 -1.26 -23.97 17.26
C GLY A 184 -2.73 -24.11 17.69
N ALA A 185 -3.48 -23.01 17.71
CA ALA A 185 -4.91 -23.06 18.00
C ALA A 185 -5.77 -23.28 16.75
N LYS A 186 -6.99 -23.73 16.98
CA LYS A 186 -8.05 -23.68 15.97
C LYS A 186 -8.85 -22.41 16.19
N VAL A 187 -9.23 -21.77 15.09
CA VAL A 187 -9.89 -20.50 15.12
C VAL A 187 -11.24 -20.56 14.42
N ILE A 188 -12.28 -20.21 15.17
CA ILE A 188 -13.59 -19.93 14.61
C ILE A 188 -13.72 -18.41 14.64
N ALA A 189 -14.04 -17.80 13.50
CA ALA A 189 -14.20 -16.37 13.40
C ALA A 189 -15.65 -16.02 13.12
N VAL A 190 -16.15 -15.01 13.82
CA VAL A 190 -17.48 -14.44 13.52
C VAL A 190 -17.29 -13.05 12.93
N VAL A 191 -17.96 -12.77 11.82
CA VAL A 191 -17.88 -11.47 11.17
C VAL A 191 -19.22 -10.74 11.24
N ASN A 192 -19.23 -9.51 11.70
CA ASN A 192 -20.44 -8.73 11.53
C ASN A 192 -20.55 -8.04 10.16
N ARG A 193 -19.46 -8.02 9.40
CA ARG A 193 -19.49 -7.55 7.99
C ARG A 193 -19.34 -8.77 7.09
N THR A 194 -20.44 -9.26 6.52
CA THR A 194 -20.42 -10.53 5.80
C THR A 194 -19.60 -10.46 4.51
N ALA A 195 -19.44 -9.26 3.94
CA ALA A 195 -18.53 -9.06 2.81
C ALA A 195 -17.04 -9.36 3.16
N ALA A 196 -16.70 -9.51 4.44
CA ALA A 196 -15.31 -9.81 4.86
C ALA A 196 -15.05 -11.29 5.05
N THR A 197 -16.05 -12.12 4.74
CA THR A 197 -15.96 -13.56 4.96
C THR A 197 -14.74 -14.19 4.29
N GLU A 198 -14.50 -13.88 3.01
CA GLU A 198 -13.35 -14.49 2.30
C GLU A 198 -12.01 -13.94 2.80
N PHE A 199 -12.00 -12.66 3.14
CA PHE A 199 -10.81 -12.05 3.73
C PHE A 199 -10.42 -12.81 4.98
N VAL A 200 -11.38 -12.97 5.87
CA VAL A 200 -11.13 -13.66 7.14
C VAL A 200 -10.68 -15.09 6.94
N LYS A 201 -11.35 -15.80 6.02
CA LYS A 201 -10.87 -17.13 5.65
C LYS A 201 -9.41 -17.07 5.19
N SER A 202 -9.06 -16.11 4.32
CA SER A 202 -7.69 -16.02 3.82
C SER A 202 -6.66 -15.73 4.92
N VAL A 203 -7.08 -15.09 6.01
CA VAL A 203 -6.14 -14.78 7.10
C VAL A 203 -5.82 -16.05 7.92
N GLY A 204 -6.68 -17.06 7.78
CA GLY A 204 -6.45 -18.39 8.39
C GLY A 204 -7.46 -18.90 9.39
N ALA A 205 -8.62 -18.29 9.48
CA ALA A 205 -9.72 -18.82 10.29
C ALA A 205 -10.11 -20.20 9.75
N ASP A 206 -10.30 -21.15 10.66
CA ASP A 206 -10.71 -22.50 10.26
C ASP A 206 -12.20 -22.56 9.86
N ILE A 207 -13.03 -21.80 10.56
CA ILE A 207 -14.47 -21.75 10.30
C ILE A 207 -14.84 -20.28 10.41
N VAL A 208 -15.54 -19.77 9.40
CA VAL A 208 -16.08 -18.43 9.48
C VAL A 208 -17.60 -18.50 9.57
N LEU A 209 -18.18 -17.67 10.42
CA LEU A 209 -19.62 -17.62 10.65
C LEU A 209 -20.10 -16.19 10.67
N PRO A 210 -21.31 -15.94 10.13
CA PRO A 210 -21.84 -14.59 10.15
C PRO A 210 -22.50 -14.28 11.50
N LEU A 211 -22.46 -13.03 11.92
CA LEU A 211 -23.11 -12.63 13.16
C LEU A 211 -24.58 -12.39 12.84
N GLU A 212 -25.37 -13.44 12.96
CA GLU A 212 -26.82 -13.40 12.72
C GLU A 212 -27.51 -14.16 13.82
N GLU A 213 -28.85 -14.15 13.86
CA GLU A 213 -29.60 -14.90 14.86
C GLU A 213 -29.11 -16.33 14.93
N GLY A 214 -28.90 -16.81 16.14
CA GLY A 214 -28.47 -18.20 16.38
C GLY A 214 -26.96 -18.47 16.23
N TRP A 215 -26.15 -17.45 16.04
CA TRP A 215 -24.70 -17.68 15.80
C TRP A 215 -24.03 -18.38 16.96
N ALA A 216 -24.45 -18.05 18.19
CA ALA A 216 -23.84 -18.68 19.39
C ALA A 216 -24.07 -20.17 19.36
N LYS A 217 -25.27 -20.59 18.96
CA LYS A 217 -25.59 -22.01 18.85
C LYS A 217 -24.78 -22.63 17.72
N ALA A 218 -24.60 -21.92 16.61
CA ALA A 218 -23.74 -22.44 15.52
C ALA A 218 -22.26 -22.60 15.97
N VAL A 219 -21.75 -21.66 16.76
CA VAL A 219 -20.38 -21.80 17.28
C VAL A 219 -20.29 -23.09 18.09
N ARG A 220 -21.23 -23.28 19.00
CA ARG A 220 -21.27 -24.52 19.78
C ARG A 220 -21.28 -25.78 18.93
N GLU A 221 -22.14 -25.79 17.90
CA GLU A 221 -22.29 -26.97 17.05
C GLU A 221 -21.00 -27.25 16.28
N ALA A 222 -20.32 -26.19 15.85
CA ALA A 222 -19.01 -26.32 15.19
C ALA A 222 -17.95 -26.96 16.11
N THR A 223 -18.15 -26.93 17.42
CA THR A 223 -17.21 -27.58 18.35
C THR A 223 -17.75 -28.90 18.88
N GLY A 224 -18.76 -29.45 18.20
CA GLY A 224 -19.37 -30.68 18.66
C GLY A 224 -20.03 -30.54 20.00
N GLY A 225 -20.61 -29.36 20.28
CA GLY A 225 -21.30 -29.08 21.54
C GLY A 225 -20.45 -28.78 22.77
N ALA A 226 -19.14 -28.85 22.67
CA ALA A 226 -18.26 -28.65 23.84
C ALA A 226 -18.02 -27.18 24.15
N GLY A 227 -18.20 -26.33 23.14
CA GLY A 227 -17.94 -24.91 23.31
C GLY A 227 -16.49 -24.55 23.01
N VAL A 228 -16.18 -23.26 23.01
CA VAL A 228 -14.79 -22.87 22.75
C VAL A 228 -14.04 -22.69 24.04
N ASP A 229 -12.72 -22.81 23.96
CA ASP A 229 -11.88 -22.63 25.14
C ASP A 229 -11.64 -21.20 25.48
N MET A 230 -11.65 -20.35 24.46
CA MET A 230 -11.37 -18.95 24.59
C MET A 230 -12.14 -18.14 23.59
N VAL A 231 -12.57 -16.96 24.02
CA VAL A 231 -13.22 -16.02 23.16
C VAL A 231 -12.38 -14.75 23.18
N VAL A 232 -12.13 -14.17 22.00
CA VAL A 232 -11.55 -12.83 21.90
C VAL A 232 -12.63 -11.87 21.46
N ASP A 233 -12.88 -10.88 22.29
CA ASP A 233 -13.96 -9.93 22.06
C ASP A 233 -13.47 -8.49 22.03
N PRO A 234 -13.25 -7.93 20.81
CA PRO A 234 -12.85 -6.53 20.67
C PRO A 234 -14.05 -5.61 20.40
N ILE A 235 -15.26 -6.15 20.46
CA ILE A 235 -16.48 -5.47 20.04
C ILE A 235 -17.33 -4.96 21.22
N GLY A 236 -17.62 -5.85 22.17
CA GLY A 236 -18.63 -5.57 23.22
C GLY A 236 -20.04 -5.58 22.65
N ALA A 239 -23.51 -7.94 21.66
CA ALA A 239 -23.19 -9.29 21.21
C ALA A 239 -22.56 -10.13 22.32
N PHE A 240 -22.62 -9.65 23.56
CA PHE A 240 -21.76 -10.17 24.64
C PHE A 240 -22.24 -11.42 25.38
N ASP A 241 -23.44 -11.37 25.95
CA ASP A 241 -23.99 -12.52 26.68
C ASP A 241 -24.07 -13.73 25.77
N ASP A 242 -24.29 -13.49 24.47
CA ASP A 242 -24.21 -14.55 23.49
C ASP A 242 -22.80 -15.17 23.46
N ALA A 243 -21.77 -14.32 23.52
CA ALA A 243 -20.40 -14.81 23.48
C ALA A 243 -20.14 -15.77 24.63
N VAL A 244 -20.53 -15.36 25.83
CA VAL A 244 -20.37 -16.19 27.01
C VAL A 244 -21.00 -17.57 26.81
N ARG A 245 -22.15 -17.61 26.15
CA ARG A 245 -22.85 -18.87 25.87
C ARG A 245 -22.05 -19.86 25.04
N THR A 246 -21.06 -19.37 24.30
CA THR A 246 -20.27 -20.30 23.47
C THR A 246 -19.15 -20.98 24.26
N LEU A 247 -18.95 -20.60 25.52
CA LEU A 247 -17.74 -21.02 26.26
C LEU A 247 -17.83 -22.43 26.80
N ALA A 248 -16.73 -23.17 26.70
CA ALA A 248 -16.60 -24.47 27.34
C ALA A 248 -16.51 -24.27 28.83
N SER A 249 -16.60 -25.39 29.55
CA SER A 249 -16.22 -25.40 30.94
C SER A 249 -14.80 -24.89 31.11
N GLU A 250 -14.61 -24.01 32.07
CA GLU A 250 -13.33 -23.39 32.36
C GLU A 250 -12.81 -22.56 31.17
N GLY A 251 -13.69 -22.19 30.24
CA GLY A 251 -13.28 -21.32 29.14
C GLY A 251 -13.05 -19.89 29.59
N ARG A 252 -12.43 -19.08 28.73
CA ARG A 252 -12.19 -17.74 29.11
C ARG A 252 -12.44 -16.75 28.00
N LEU A 253 -12.97 -15.62 28.39
CA LEU A 253 -13.34 -14.61 27.44
C LEU A 253 -12.44 -13.40 27.70
N LEU A 254 -11.67 -13.02 26.69
CA LEU A 254 -10.82 -11.85 26.77
C LEU A 254 -11.52 -10.65 26.18
N VAL A 255 -11.63 -9.62 26.97
CA VAL A 255 -12.18 -8.37 26.50
C VAL A 255 -11.02 -7.46 26.20
N VAL A 256 -10.87 -7.10 24.93
CA VAL A 256 -9.71 -6.39 24.47
C VAL A 256 -10.06 -4.99 23.97
N LYS A 267 -19.83 -4.20 30.72
CA LYS A 267 -20.15 -5.62 30.54
C LYS A 267 -20.98 -6.16 31.70
N VAL A 268 -22.20 -6.61 31.40
CA VAL A 268 -23.08 -7.26 32.37
C VAL A 268 -22.89 -8.79 32.30
N ASN A 269 -22.64 -9.43 33.44
CA ASN A 269 -22.29 -10.84 33.50
C ASN A 269 -23.40 -11.62 34.21
N ARG A 270 -23.94 -12.65 33.54
CA ARG A 270 -25.10 -13.40 34.05
C ARG A 270 -24.75 -14.59 34.96
N LEU A 271 -25.74 -15.46 35.18
CA LEU A 271 -25.52 -16.76 35.82
C LEU A 271 -24.99 -17.83 34.84
N LEU A 272 -25.00 -17.51 33.53
CA LEU A 272 -24.41 -18.38 32.50
C LEU A 272 -22.86 -18.39 32.54
N LEU A 273 -22.28 -17.53 33.40
CA LEU A 273 -20.82 -17.51 33.61
C LEU A 273 -20.30 -18.91 34.02
N ARG A 274 -21.04 -19.62 34.90
CA ARG A 274 -20.69 -20.99 35.26
C ARG A 274 -19.21 -21.01 35.67
N ASN A 275 -18.45 -22.01 35.24
CA ASN A 275 -17.03 -22.02 35.53
C ASN A 275 -16.24 -21.42 34.35
N ALA A 276 -16.68 -20.24 33.88
CA ALA A 276 -15.92 -19.43 32.93
C ALA A 276 -15.31 -18.20 33.61
N SER A 277 -14.34 -17.60 32.91
CA SER A 277 -13.64 -16.42 33.37
C SER A 277 -13.73 -15.25 32.39
N LEU A 278 -13.91 -14.06 32.92
CA LEU A 278 -13.78 -12.83 32.18
C LEU A 278 -12.42 -12.26 32.48
N ILE A 279 -11.59 -12.16 31.44
CA ILE A 279 -10.17 -11.82 31.57
C ILE A 279 -9.95 -10.42 30.99
N GLY A 280 -9.67 -9.47 31.86
CA GLY A 280 -9.41 -8.10 31.44
C GLY A 280 -8.07 -8.07 30.75
N VAL A 281 -8.01 -7.37 29.64
CA VAL A 281 -6.81 -7.20 28.85
C VAL A 281 -6.63 -5.69 28.65
N ALA A 282 -5.59 -5.12 29.26
CA ALA A 282 -5.30 -3.69 29.15
C ALA A 282 -3.80 -3.59 28.96
N TRP A 283 -3.37 -3.63 27.68
CA TRP A 283 -1.96 -3.79 27.33
C TRP A 283 -1.15 -2.56 27.70
N GLY A 284 -1.66 -1.41 27.27
CA GLY A 284 -1.03 -0.09 27.58
C GLY A 284 -0.75 0.04 29.07
N GLU A 285 -1.78 -0.24 29.87
CA GLU A 285 -1.65 -0.13 31.31
C GLU A 285 -0.63 -1.15 31.82
N PHE A 286 -0.66 -2.35 31.29
CA PHE A 286 0.30 -3.37 31.73
C PHE A 286 1.74 -2.98 31.43
N LEU A 287 1.94 -2.48 30.20
CA LEU A 287 3.24 -2.09 29.74
C LEU A 287 3.84 -0.98 30.62
N ARG A 288 2.99 -0.07 31.08
CA ARG A 288 3.39 0.99 31.99
C ARG A 288 4.13 0.47 33.23
N THR A 289 3.71 -0.67 33.76
CA THR A 289 4.35 -1.20 34.96
C THR A 289 5.25 -2.40 34.68
N HIS A 290 5.35 -2.83 33.42
CA HIS A 290 6.11 -4.04 33.07
C HIS A 290 6.80 -3.82 31.77
N ALA A 291 7.57 -2.75 31.67
CA ALA A 291 8.10 -2.34 30.39
C ALA A 291 8.96 -3.45 29.73
N ASP A 292 9.66 -4.25 30.52
CA ASP A 292 10.49 -5.34 29.99
C ASP A 292 9.71 -6.49 29.34
N TYR A 293 8.41 -6.59 29.59
CA TYR A 293 7.62 -7.62 28.92
C TYR A 293 7.64 -7.37 27.40
N LEU A 294 7.79 -6.11 27.02
CA LEU A 294 7.88 -5.74 25.63
C LEU A 294 8.97 -6.50 24.86
N TYR A 295 10.09 -6.82 25.52
CA TYR A 295 11.12 -7.61 24.86
C TYR A 295 10.61 -9.01 24.52
N GLU A 296 9.79 -9.55 25.41
CA GLU A 296 9.20 -10.88 25.21
C GLU A 296 8.13 -10.89 24.12
N THR A 297 7.29 -9.86 24.06
CA THR A 297 6.28 -9.82 23.01
C THR A 297 6.95 -9.63 21.63
N GLN A 298 7.98 -8.79 21.56
CA GLN A 298 8.71 -8.59 20.30
C GLN A 298 9.42 -9.88 19.84
N ALA A 299 10.07 -10.57 20.77
CA ALA A 299 10.72 -11.84 20.48
C ALA A 299 9.71 -12.89 19.96
N GLY A 300 8.56 -12.99 20.62
CA GLY A 300 7.49 -13.90 20.21
C GLY A 300 6.98 -13.59 18.82
N LEU A 301 6.82 -12.31 18.54
CA LEU A 301 6.32 -11.88 17.21
C LEU A 301 7.37 -12.08 16.12
N GLU A 302 8.62 -11.80 16.44
CA GLU A 302 9.72 -12.05 15.51
C GLU A 302 9.79 -13.55 15.09
N LYS A 303 9.51 -14.46 16.04
CA LYS A 303 9.47 -15.87 15.79
C LYS A 303 8.28 -16.25 14.90
N LEU A 304 7.11 -15.73 15.22
CA LEU A 304 5.92 -15.95 14.37
C LEU A 304 6.14 -15.45 12.94
N VAL A 305 6.76 -14.28 12.78
CA VAL A 305 7.09 -13.74 11.46
C VAL A 305 8.14 -14.60 10.72
N ALA A 306 9.19 -15.06 11.45
CA ALA A 306 10.15 -16.00 10.87
C ALA A 306 9.45 -17.25 10.37
N GLU A 307 8.43 -17.71 11.08
CA GLU A 307 7.73 -18.93 10.73
C GLU A 307 6.71 -18.72 9.61
N GLY A 308 6.47 -17.46 9.25
CA GLY A 308 5.72 -17.12 8.03
C GLY A 308 4.58 -16.11 8.21
N MET A 309 4.32 -15.67 9.44
CA MET A 309 3.20 -14.75 9.64
C MET A 309 3.45 -13.42 8.92
N ARG A 310 2.47 -12.98 8.15
CA ARG A 310 2.55 -11.71 7.48
C ARG A 310 1.25 -10.93 7.76
N PRO A 311 1.33 -9.90 8.59
CA PRO A 311 0.15 -9.06 8.82
C PRO A 311 -0.45 -8.51 7.54
N PRO A 312 -1.74 -8.80 7.30
CA PRO A 312 -2.41 -8.23 6.09
C PRO A 312 -2.58 -6.72 6.16
N VAL A 313 -2.15 -6.04 5.11
CA VAL A 313 -2.34 -4.63 4.97
C VAL A 313 -3.23 -4.37 3.75
N SER A 314 -4.43 -3.85 3.99
CA SER A 314 -5.46 -3.83 2.95
C SER A 314 -5.42 -2.51 2.15
N ALA A 315 -4.86 -1.45 2.74
CA ALA A 315 -4.79 -0.16 2.13
C ALA A 315 -3.54 0.61 2.59
N ARG A 316 -2.90 1.29 1.63
CA ARG A 316 -1.81 2.20 1.91
C ARG A 316 -2.16 3.51 1.22
N ILE A 317 -2.47 4.51 2.02
CA ILE A 317 -3.10 5.75 1.56
C ILE A 317 -2.07 6.85 1.70
N PRO A 318 -1.89 7.70 0.68
CA PRO A 318 -0.97 8.82 0.92
C PRO A 318 -1.37 9.63 2.16
N LEU A 319 -0.38 10.07 2.92
CA LEU A 319 -0.55 10.96 4.06
C LEU A 319 -1.42 12.17 3.74
N SER A 320 -1.24 12.72 2.54
CA SER A 320 -2.03 13.84 2.07
C SER A 320 -3.51 13.56 2.04
N GLU A 321 -3.89 12.29 1.90
CA GLU A 321 -5.28 11.90 1.90
C GLU A 321 -5.75 11.29 3.23
N GLY A 322 -5.05 11.63 4.30
CA GLY A 322 -5.39 11.11 5.64
C GLY A 322 -6.83 11.35 6.09
N ARG A 323 -7.40 12.49 5.74
CA ARG A 323 -8.81 12.70 6.11
C ARG A 323 -9.70 11.63 5.51
N GLN A 324 -9.62 11.44 4.22
CA GLN A 324 -10.42 10.38 3.59
C GLN A 324 -10.08 8.97 4.14
N ALA A 325 -8.80 8.72 4.43
CA ALA A 325 -8.37 7.44 4.98
C ALA A 325 -9.12 7.20 6.29
N LEU A 326 -9.10 8.21 7.16
CA LEU A 326 -9.73 8.07 8.47
C LEU A 326 -11.26 7.95 8.37
N GLN A 327 -11.86 8.65 7.42
CA GLN A 327 -13.31 8.53 7.19
C GLN A 327 -13.67 7.10 6.76
N ASP A 328 -12.88 6.54 5.85
CA ASP A 328 -13.11 5.14 5.42
C ASP A 328 -12.99 4.19 6.59
N PHE A 329 -12.01 4.42 7.44
CA PHE A 329 -11.84 3.63 8.63
C PHE A 329 -13.07 3.70 9.56
N ALA A 330 -13.53 4.92 9.80
CA ALA A 330 -14.73 5.18 10.60
C ALA A 330 -16.01 4.57 9.98
N ASP A 331 -16.11 4.61 8.66
CA ASP A 331 -17.25 4.05 7.94
C ASP A 331 -17.20 2.52 7.89
N GLY A 332 -16.18 1.88 8.49
CA GLY A 332 -16.13 0.42 8.55
C GLY A 332 -15.67 -0.27 7.28
N LYS A 333 -14.90 0.43 6.46
CA LYS A 333 -14.41 -0.15 5.21
C LYS A 333 -13.07 -0.94 5.32
N VAL A 334 -12.40 -0.92 6.46
CA VAL A 334 -11.05 -1.47 6.58
C VAL A 334 -11.02 -2.89 7.13
N TYR A 335 -10.44 -3.79 6.34
CA TYR A 335 -10.14 -5.14 6.77
C TYR A 335 -8.65 -5.19 7.10
N GLY A 336 -8.31 -5.83 8.20
CA GLY A 336 -6.90 -5.96 8.58
C GLY A 336 -6.41 -4.56 8.97
N LYS A 337 -5.29 -4.14 8.38
CA LYS A 337 -4.68 -2.88 8.74
C LYS A 337 -4.65 -1.91 7.53
N MET A 338 -4.90 -0.64 7.82
CA MET A 338 -4.67 0.46 6.90
C MET A 338 -3.45 1.25 7.38
N VAL A 339 -2.65 1.74 6.43
CA VAL A 339 -1.56 2.62 6.75
C VAL A 339 -1.60 3.85 5.86
N LEU A 340 -0.96 4.90 6.35
CA LEU A 340 -0.70 6.10 5.63
C LEU A 340 0.75 6.14 5.24
N VAL A 341 1.00 6.58 4.02
CA VAL A 341 2.36 6.62 3.46
C VAL A 341 2.75 8.06 3.12
N PRO A 342 3.75 8.63 3.83
CA PRO A 342 4.11 10.01 3.67
C PRO A 342 4.73 10.29 2.31
N GLY B 20 -17.40 -20.02 -8.44
CA GLY B 20 -17.96 -19.62 -9.77
C GLY B 20 -17.80 -18.13 -10.10
N SER B 21 -17.81 -17.31 -9.06
CA SER B 21 -17.70 -15.86 -9.23
C SER B 21 -16.55 -15.27 -8.42
N MET B 22 -16.20 -14.04 -8.77
CA MET B 22 -15.15 -13.32 -8.10
C MET B 22 -15.55 -11.85 -8.05
N LYS B 23 -14.89 -11.08 -7.21
CA LYS B 23 -15.10 -9.63 -7.20
C LYS B 23 -14.32 -8.96 -8.30
N ALA B 24 -14.87 -7.87 -8.85
CA ALA B 24 -14.22 -7.06 -9.86
C ALA B 24 -14.85 -5.68 -9.86
N ILE B 25 -14.10 -4.68 -10.33
CA ILE B 25 -14.62 -3.35 -10.64
C ILE B 25 -14.98 -3.40 -12.12
N GLN B 26 -16.23 -3.02 -12.41
CA GLN B 26 -16.79 -3.09 -13.73
C GLN B 26 -17.32 -1.70 -14.11
N ALA B 27 -16.86 -1.21 -15.26
CA ALA B 27 -17.42 -0.04 -15.90
C ALA B 27 -18.82 -0.39 -16.42
N GLN B 28 -19.82 0.28 -15.89
CA GLN B 28 -21.23 0.06 -16.28
C GLN B 28 -21.78 1.14 -17.19
N SER B 29 -20.94 2.12 -17.52
CA SER B 29 -21.26 3.15 -18.50
C SER B 29 -19.92 3.73 -18.96
N LEU B 30 -19.93 4.63 -19.94
CA LEU B 30 -18.71 5.31 -20.35
C LEU B 30 -18.63 6.71 -19.74
N SER B 31 -19.08 6.84 -18.50
CA SER B 31 -19.12 8.13 -17.82
C SER B 31 -17.82 8.43 -17.02
N GLY B 32 -16.79 7.63 -17.24
CA GLY B 32 -15.56 7.79 -16.43
C GLY B 32 -15.68 7.04 -15.09
N PRO B 33 -14.86 7.43 -14.11
CA PRO B 33 -14.81 6.75 -12.79
C PRO B 33 -16.17 6.57 -12.09
N GLU B 34 -17.05 7.55 -12.26
CA GLU B 34 -18.42 7.51 -11.72
C GLU B 34 -19.14 6.21 -12.09
N GLY B 35 -18.86 5.71 -13.29
CA GLY B 35 -19.54 4.51 -13.78
C GLY B 35 -18.98 3.19 -13.27
N LEU B 36 -17.99 3.24 -12.38
CA LEU B 36 -17.32 2.01 -11.96
C LEU B 36 -18.05 1.45 -10.74
N VAL B 37 -18.31 0.14 -10.76
CA VAL B 37 -18.99 -0.54 -9.65
C VAL B 37 -18.24 -1.81 -9.25
N TYR B 38 -18.13 -2.01 -7.95
CA TYR B 38 -17.52 -3.21 -7.37
C TYR B 38 -18.62 -4.25 -7.30
N THR B 39 -18.44 -5.38 -7.98
CA THR B 39 -19.54 -6.32 -8.17
C THR B 39 -19.02 -7.73 -8.40
N ASP B 40 -19.94 -8.67 -8.60
CA ASP B 40 -19.54 -10.05 -8.89
C ASP B 40 -19.51 -10.28 -10.38
N VAL B 41 -18.53 -11.05 -10.84
CA VAL B 41 -18.39 -11.38 -12.25
C VAL B 41 -17.97 -12.84 -12.32
N GLU B 42 -18.10 -13.44 -13.51
CA GLU B 42 -17.66 -14.82 -13.74
C GLU B 42 -16.15 -14.92 -13.55
N THR B 43 -15.73 -15.96 -12.83
CA THR B 43 -14.30 -16.27 -12.71
C THR B 43 -13.83 -16.79 -14.06
N PRO B 44 -12.66 -16.32 -14.55
CA PRO B 44 -12.13 -16.60 -15.91
C PRO B 44 -12.17 -18.04 -16.39
N GLY B 45 -11.70 -18.97 -15.56
CA GLY B 45 -11.69 -20.37 -15.97
C GLY B 45 -10.43 -20.78 -16.71
N ALA B 46 -9.84 -21.89 -16.26
CA ALA B 46 -8.65 -22.45 -16.88
C ALA B 46 -8.91 -22.87 -18.32
N GLY B 47 -7.86 -22.93 -19.12
CA GLY B 47 -8.00 -23.21 -20.53
C GLY B 47 -6.66 -23.58 -21.10
N PRO B 48 -6.65 -24.26 -22.27
CA PRO B 48 -5.40 -24.76 -22.80
C PRO B 48 -4.43 -23.69 -23.31
N ASN B 49 -4.92 -22.48 -23.60
CA ASN B 49 -4.01 -21.40 -23.96
C ASN B 49 -4.20 -20.16 -23.06
N VAL B 50 -4.52 -20.35 -21.78
CA VAL B 50 -4.56 -19.21 -20.85
C VAL B 50 -3.82 -19.48 -19.55
N VAL B 51 -3.30 -18.39 -18.99
CA VAL B 51 -2.67 -18.40 -17.69
C VAL B 51 -3.62 -17.60 -16.82
N VAL B 52 -4.14 -18.22 -15.76
CA VAL B 52 -4.97 -17.53 -14.81
C VAL B 52 -4.04 -17.11 -13.66
N VAL B 53 -4.06 -15.82 -13.36
CA VAL B 53 -3.28 -15.19 -12.31
C VAL B 53 -4.21 -14.70 -11.20
N ASP B 54 -3.87 -15.03 -9.96
CA ASP B 54 -4.48 -14.42 -8.78
C ASP B 54 -3.85 -13.05 -8.60
N VAL B 55 -4.66 -12.02 -8.77
CA VAL B 55 -4.17 -10.65 -8.81
C VAL B 55 -3.87 -10.19 -7.41
N LYS B 56 -2.63 -9.75 -7.18
CA LYS B 56 -2.25 -9.13 -5.91
C LYS B 56 -2.09 -7.61 -6.00
N ALA B 57 -1.83 -7.11 -7.20
CA ALA B 57 -1.85 -5.68 -7.43
C ALA B 57 -2.28 -5.40 -8.88
N ALA B 58 -3.24 -4.53 -9.07
CA ALA B 58 -3.66 -4.10 -10.39
C ALA B 58 -3.23 -2.67 -10.58
N GLY B 59 -2.52 -2.39 -11.67
CA GLY B 59 -2.07 -1.04 -11.91
C GLY B 59 -3.20 -0.17 -12.39
N VAL B 60 -3.18 1.09 -11.97
CA VAL B 60 -4.02 2.14 -12.50
C VAL B 60 -3.13 2.91 -13.49
N CYS B 61 -3.55 2.97 -14.74
CA CYS B 61 -2.81 3.75 -15.77
C CYS B 61 -3.75 4.63 -16.59
N PHE B 62 -3.16 5.58 -17.33
CA PHE B 62 -3.94 6.53 -18.12
C PHE B 62 -4.88 5.83 -19.13
N PRO B 63 -4.42 4.77 -19.81
CA PRO B 63 -5.35 4.11 -20.72
C PRO B 63 -6.59 3.55 -20.03
N ASP B 64 -6.43 3.04 -18.80
CA ASP B 64 -7.57 2.52 -18.03
C ASP B 64 -8.60 3.61 -17.93
N TYR B 65 -8.13 4.76 -17.45
CA TYR B 65 -8.98 5.92 -17.25
C TYR B 65 -9.69 6.35 -18.53
N LEU B 66 -8.92 6.45 -19.62
CA LEU B 66 -9.49 6.83 -20.93
C LEU B 66 -10.58 5.83 -21.35
N MET B 67 -10.35 4.55 -21.09
CA MET B 67 -11.35 3.52 -21.42
C MET B 67 -12.65 3.67 -20.61
N THR B 68 -12.54 4.07 -19.34
CA THR B 68 -13.73 4.33 -18.55
C THR B 68 -14.57 5.49 -19.12
N LYS B 69 -13.94 6.35 -19.92
CA LYS B 69 -14.65 7.48 -20.57
C LYS B 69 -14.96 7.20 -22.07
N GLY B 70 -14.66 6.01 -22.57
CA GLY B 70 -14.78 5.70 -24.00
C GLY B 70 -13.90 6.55 -24.91
N GLU B 71 -12.76 6.99 -24.39
CA GLU B 71 -11.87 7.93 -25.11
C GLU B 71 -10.52 7.34 -25.45
N TYR B 72 -10.37 6.04 -25.25
CA TYR B 72 -9.12 5.37 -25.55
C TYR B 72 -9.13 4.91 -26.99
N GLN B 73 -7.96 4.73 -27.59
CA GLN B 73 -7.86 4.20 -28.97
C GLN B 73 -8.78 2.99 -29.20
N LEU B 74 -8.77 2.05 -28.26
CA LEU B 74 -9.62 0.87 -28.32
C LEU B 74 -10.90 1.20 -27.57
N LYS B 75 -12.03 1.01 -28.25
CA LYS B 75 -13.32 1.51 -27.80
C LYS B 75 -14.20 0.36 -27.25
N MET B 76 -14.10 0.12 -25.95
CA MET B 76 -14.80 -1.00 -25.29
C MET B 76 -16.18 -0.55 -24.85
N GLU B 77 -17.18 -1.41 -25.09
CA GLU B 77 -18.59 -1.10 -24.70
C GLU B 77 -18.88 -1.73 -23.32
N PRO B 78 -19.51 -0.96 -22.42
CA PRO B 78 -19.89 -1.55 -21.12
C PRO B 78 -20.92 -2.66 -21.27
N PRO B 79 -20.98 -3.58 -20.31
CA PRO B 79 -20.11 -3.63 -19.13
C PRO B 79 -18.72 -4.25 -19.42
N PHE B 80 -17.64 -3.70 -18.85
CA PHE B 80 -16.33 -4.33 -18.95
C PHE B 80 -15.46 -4.05 -17.71
N VAL B 81 -14.55 -4.98 -17.42
CA VAL B 81 -13.62 -4.83 -16.29
C VAL B 81 -12.40 -4.13 -16.85
N PRO B 82 -12.16 -2.88 -16.44
CA PRO B 82 -10.94 -2.21 -16.90
C PRO B 82 -9.69 -2.83 -16.25
N GLY B 83 -8.53 -2.48 -16.80
CA GLY B 83 -7.26 -2.74 -16.16
C GLY B 83 -6.37 -3.55 -17.06
N ILE B 84 -5.28 -2.91 -17.47
CA ILE B 84 -4.35 -3.49 -18.38
C ILE B 84 -3.21 -4.22 -17.69
N GLU B 85 -2.84 -3.79 -16.48
CA GLU B 85 -1.63 -4.22 -15.84
C GLU B 85 -1.99 -4.98 -14.54
N THR B 86 -1.46 -6.18 -14.38
CA THR B 86 -1.61 -6.93 -13.13
C THR B 86 -0.30 -7.62 -12.74
N ALA B 87 -0.14 -7.85 -11.44
CA ALA B 87 0.92 -8.66 -10.92
C ALA B 87 0.33 -9.54 -9.80
N GLY B 88 0.79 -10.79 -9.73
CA GLY B 88 0.26 -11.74 -8.76
C GLY B 88 0.88 -13.11 -8.90
N VAL B 89 0.09 -14.15 -8.67
CA VAL B 89 0.62 -15.51 -8.56
C VAL B 89 -0.17 -16.37 -9.51
N VAL B 90 0.53 -17.15 -10.31
CA VAL B 90 -0.14 -18.03 -11.24
C VAL B 90 -0.99 -19.07 -10.49
N ARG B 91 -2.26 -19.22 -10.91
CA ARG B 91 -3.18 -20.26 -10.43
C ARG B 91 -3.16 -21.45 -11.39
N SER B 92 -3.30 -21.19 -12.69
CA SER B 92 -3.18 -22.23 -13.69
C SER B 92 -2.48 -21.69 -14.93
N ALA B 93 -1.89 -22.65 -15.67
CA ALA B 93 -1.10 -22.36 -16.85
C ALA B 93 -1.04 -23.63 -17.69
N PRO B 94 -0.91 -23.48 -19.02
CA PRO B 94 -0.79 -24.68 -19.86
C PRO B 94 0.55 -25.39 -19.59
N GLU B 95 0.54 -26.71 -19.71
CA GLU B 95 1.67 -27.54 -19.29
C GLU B 95 2.99 -27.18 -20.00
N GLY B 96 2.91 -26.90 -21.31
CA GLY B 96 4.10 -26.57 -22.11
C GLY B 96 4.51 -25.11 -22.16
N SER B 97 3.90 -24.26 -21.33
CA SER B 97 4.21 -22.83 -21.36
C SER B 97 5.49 -22.51 -20.61
N GLY B 98 5.93 -23.45 -19.77
CA GLY B 98 7.05 -23.22 -18.86
C GLY B 98 6.67 -22.29 -17.71
N ILE B 99 5.38 -22.06 -17.51
CA ILE B 99 4.85 -21.24 -16.41
C ILE B 99 4.11 -22.20 -15.50
N LYS B 100 4.32 -22.09 -14.19
CA LYS B 100 3.76 -23.03 -13.21
C LYS B 100 2.94 -22.33 -12.12
N PRO B 101 1.90 -23.01 -11.59
CA PRO B 101 1.18 -22.50 -10.43
C PRO B 101 2.15 -22.10 -9.35
N GLY B 102 1.90 -20.97 -8.72
CA GLY B 102 2.81 -20.46 -7.71
C GLY B 102 3.84 -19.48 -8.22
N ASP B 103 4.04 -19.41 -9.54
CA ASP B 103 4.99 -18.45 -10.11
C ASP B 103 4.49 -17.03 -9.90
N ARG B 104 5.42 -16.14 -9.57
CA ARG B 104 5.14 -14.73 -9.47
C ARG B 104 5.34 -14.07 -10.84
N VAL B 105 4.27 -13.47 -11.35
CA VAL B 105 4.27 -12.95 -12.69
C VAL B 105 3.60 -11.59 -12.80
N MET B 106 4.00 -10.89 -13.86
CA MET B 106 3.37 -9.70 -14.33
C MET B 106 2.58 -10.10 -15.56
N ALA B 107 1.43 -9.48 -15.77
CA ALA B 107 0.55 -9.80 -16.88
C ALA B 107 0.03 -8.53 -17.48
N PHE B 108 -0.18 -8.54 -18.80
CA PHE B 108 -0.81 -7.42 -19.42
C PHE B 108 -1.84 -7.87 -20.41
N ASN B 109 -2.94 -7.14 -20.47
CA ASN B 109 -4.02 -7.45 -21.39
C ASN B 109 -4.75 -6.16 -21.70
N PHE B 110 -5.72 -6.20 -22.62
CA PHE B 110 -6.47 -5.00 -22.95
C PHE B 110 -7.47 -4.64 -21.83
N ILE B 111 -8.02 -5.66 -21.16
CA ILE B 111 -9.05 -5.50 -20.11
C ILE B 111 -8.84 -6.56 -19.03
N GLY B 112 -9.64 -6.47 -17.95
CA GLY B 112 -9.78 -7.56 -16.95
C GLY B 112 -8.93 -7.42 -15.68
N GLY B 113 -8.11 -6.38 -15.63
CA GLY B 113 -7.13 -6.24 -14.55
C GLY B 113 -7.74 -6.00 -13.18
N TYR B 114 -8.85 -5.25 -13.14
CA TYR B 114 -9.42 -4.83 -11.86
C TYR B 114 -10.31 -5.93 -11.32
N ALA B 115 -9.71 -7.05 -10.96
CA ALA B 115 -10.42 -8.27 -10.60
C ALA B 115 -9.56 -9.12 -9.68
N GLU B 116 -10.18 -10.06 -8.98
CA GLU B 116 -9.43 -11.00 -8.13
C GLU B 116 -8.61 -11.98 -8.95
N ARG B 117 -9.09 -12.31 -10.13
CA ARG B 117 -8.33 -13.15 -11.07
C ARG B 117 -8.43 -12.63 -12.48
N VAL B 118 -7.39 -12.91 -13.25
CA VAL B 118 -7.30 -12.48 -14.65
C VAL B 118 -6.74 -13.62 -15.52
N ALA B 119 -7.30 -13.78 -16.71
CA ALA B 119 -6.87 -14.76 -17.69
C ALA B 119 -6.12 -14.03 -18.79
N VAL B 120 -4.86 -14.39 -19.05
CA VAL B 120 -4.13 -13.74 -20.16
C VAL B 120 -3.38 -14.79 -20.96
N ALA B 121 -3.03 -14.44 -22.20
CA ALA B 121 -2.32 -15.35 -23.07
C ALA B 121 -0.90 -15.53 -22.50
N PRO B 122 -0.34 -16.75 -22.62
CA PRO B 122 1.01 -17.01 -22.18
C PRO B 122 2.03 -16.01 -22.73
N SER B 123 1.82 -15.52 -23.94
CA SER B 123 2.69 -14.48 -24.50
C SER B 123 2.63 -13.13 -23.75
N ASN B 124 1.60 -12.95 -22.91
CA ASN B 124 1.41 -11.71 -22.15
C ASN B 124 1.81 -11.85 -20.65
N ILE B 125 2.69 -12.81 -20.37
CA ILE B 125 3.16 -13.04 -19.01
C ILE B 125 4.65 -12.75 -18.97
N LEU B 126 5.10 -12.09 -17.90
CA LEU B 126 6.51 -11.87 -17.66
C LEU B 126 6.84 -12.27 -16.23
N PRO B 127 8.07 -12.76 -16.02
CA PRO B 127 8.48 -13.09 -14.65
C PRO B 127 8.70 -11.84 -13.78
N THR B 128 8.11 -11.84 -12.59
CA THR B 128 8.27 -10.73 -11.64
C THR B 128 9.70 -10.71 -11.09
N PRO B 129 10.42 -9.58 -11.21
CA PRO B 129 11.73 -9.56 -10.58
C PRO B 129 11.65 -9.94 -9.10
N PRO B 130 12.53 -10.85 -8.64
CA PRO B 130 12.41 -11.32 -7.26
C PRO B 130 12.64 -10.25 -6.21
N GLN B 131 13.27 -9.14 -6.57
CA GLN B 131 13.54 -8.08 -5.59
C GLN B 131 12.30 -7.23 -5.29
N LEU B 132 11.26 -7.36 -6.13
CA LEU B 132 10.11 -6.47 -6.06
C LEU B 132 8.92 -7.13 -5.41
N ASP B 133 8.15 -6.35 -4.67
CA ASP B 133 6.86 -6.84 -4.29
C ASP B 133 5.89 -6.67 -5.49
N ASP B 134 4.67 -7.15 -5.35
CA ASP B 134 3.71 -7.15 -6.48
C ASP B 134 3.25 -5.74 -6.96
N ALA B 135 3.12 -4.80 -6.04
CA ALA B 135 2.78 -3.41 -6.41
C ALA B 135 3.91 -2.79 -7.23
N GLU B 136 5.15 -2.97 -6.76
CA GLU B 136 6.31 -2.49 -7.47
C GLU B 136 6.44 -3.14 -8.84
N ALA B 137 6.15 -4.43 -8.91
CA ALA B 137 6.22 -5.18 -10.20
C ALA B 137 5.13 -4.68 -11.16
N VAL B 138 3.91 -4.51 -10.69
CA VAL B 138 2.87 -4.04 -11.60
C VAL B 138 3.23 -2.64 -12.14
N ALA B 139 3.91 -1.85 -11.30
CA ALA B 139 4.32 -0.50 -11.65
C ALA B 139 5.24 -0.51 -12.86
N LEU B 140 6.07 -1.55 -13.00
CA LEU B 140 6.93 -1.72 -14.18
C LEU B 140 6.20 -1.84 -15.49
N ILE B 141 5.00 -2.41 -15.49
CA ILE B 141 4.43 -2.96 -16.72
C ILE B 141 4.24 -1.94 -17.87
N ALA B 142 3.36 -0.96 -17.71
CA ALA B 142 3.22 0.10 -18.73
C ALA B 142 4.32 1.12 -18.68
N ASN B 143 4.53 1.72 -17.52
CA ASN B 143 5.42 2.88 -17.46
C ASN B 143 6.90 2.60 -17.70
N TYR B 144 7.40 1.48 -17.19
CA TYR B 144 8.83 1.25 -17.25
C TYR B 144 9.27 0.67 -18.59
N HIS B 145 8.47 -0.23 -19.17
CA HIS B 145 8.72 -0.74 -20.50
C HIS B 145 8.62 0.35 -21.51
N THR B 146 7.64 1.24 -21.36
CA THR B 146 7.48 2.36 -22.27
C THR B 146 8.74 3.23 -22.24
N MET B 147 9.18 3.60 -21.06
CA MET B 147 10.34 4.47 -20.91
C MET B 147 11.66 3.76 -21.26
N TYR B 148 11.78 2.45 -21.05
CA TYR B 148 12.99 1.73 -21.48
C TYR B 148 13.11 1.79 -23.00
N PHE B 149 12.02 1.40 -23.67
CA PHE B 149 11.91 1.54 -25.11
C PHE B 149 12.20 2.96 -25.57
N ALA B 150 11.57 3.95 -24.94
CA ALA B 150 11.73 5.36 -25.34
C ALA B 150 13.18 5.78 -25.27
N TYR B 151 13.85 5.39 -24.20
CA TYR B 151 15.27 5.73 -24.03
C TYR B 151 16.22 4.89 -24.91
N ALA B 152 16.06 3.56 -24.88
CA ALA B 152 17.01 2.68 -25.53
C ALA B 152 16.83 2.64 -27.02
N ARG B 153 15.60 2.56 -27.49
CA ARG B 153 15.35 2.41 -28.90
C ARG B 153 15.09 3.74 -29.62
N ARG B 154 14.21 4.57 -29.09
CA ARG B 154 13.75 5.74 -29.83
C ARG B 154 14.69 6.94 -29.71
N GLY B 155 15.08 7.26 -28.49
CA GLY B 155 15.92 8.43 -28.24
C GLY B 155 17.41 8.15 -28.13
N GLN B 156 17.78 6.88 -28.06
CA GLN B 156 19.16 6.45 -27.81
C GLN B 156 19.90 7.21 -26.69
N LEU B 157 19.34 7.24 -25.49
CA LEU B 157 19.97 7.92 -24.35
C LEU B 157 21.35 7.33 -24.05
N ARG B 158 22.31 8.15 -23.66
CA ARG B 158 23.63 7.62 -23.33
C ARG B 158 24.04 8.12 -21.98
N ALA B 159 24.82 7.32 -21.27
CA ALA B 159 25.37 7.72 -19.97
C ALA B 159 26.04 9.11 -20.09
N GLY B 160 25.82 9.96 -19.09
CA GLY B 160 26.45 11.28 -19.04
C GLY B 160 25.69 12.38 -19.77
N GLU B 161 24.64 12.03 -20.52
CA GLU B 161 23.77 13.06 -21.10
C GLU B 161 22.86 13.69 -20.03
N THR B 162 22.26 14.83 -20.34
CA THR B 162 21.29 15.47 -19.45
C THR B 162 19.88 15.41 -20.03
N VAL B 163 18.96 14.92 -19.20
CA VAL B 163 17.58 14.72 -19.61
C VAL B 163 16.67 15.64 -18.81
N LEU B 164 15.80 16.35 -19.50
CA LEU B 164 14.72 17.11 -18.88
C LEU B 164 13.48 16.25 -18.88
N VAL B 165 12.93 16.00 -17.69
CA VAL B 165 11.69 15.23 -17.59
C VAL B 165 10.57 16.17 -17.17
N LEU B 166 9.55 16.25 -18.01
CA LEU B 166 8.36 17.06 -17.75
C LEU B 166 7.28 16.15 -17.12
N GLY B 167 6.27 16.77 -16.52
CA GLY B 167 5.22 16.01 -15.77
C GLY B 167 5.89 15.01 -14.85
N ALA B 168 6.94 15.46 -14.17
CA ALA B 168 7.93 14.55 -13.60
C ALA B 168 7.40 13.63 -12.47
N ALA B 169 6.40 14.10 -11.74
CA ALA B 169 5.81 13.33 -10.61
C ALA B 169 4.74 12.33 -11.04
N GLY B 170 4.35 12.33 -12.32
CA GLY B 170 3.34 11.38 -12.80
C GLY B 170 3.94 9.98 -12.98
N GLY B 171 3.13 9.05 -13.48
CA GLY B 171 3.58 7.67 -13.70
C GLY B 171 4.76 7.58 -14.66
N ILE B 172 4.59 8.17 -15.83
CA ILE B 172 5.62 8.11 -16.89
C ILE B 172 6.85 8.89 -16.46
N GLY B 173 6.64 10.10 -15.93
CA GLY B 173 7.71 10.91 -15.43
C GLY B 173 8.60 10.20 -14.42
N THR B 174 7.98 9.49 -13.46
CA THR B 174 8.73 8.76 -12.44
C THR B 174 9.62 7.69 -13.04
N ALA B 175 9.03 6.88 -13.92
CA ALA B 175 9.79 5.88 -14.63
C ALA B 175 10.89 6.54 -15.49
N ALA B 176 10.57 7.69 -16.10
CA ALA B 176 11.58 8.40 -16.91
C ALA B 176 12.75 8.81 -16.02
N ILE B 177 12.48 9.21 -14.77
CA ILE B 177 13.56 9.67 -13.89
C ILE B 177 14.43 8.48 -13.50
N GLN B 178 13.79 7.42 -13.01
CA GLN B 178 14.56 6.33 -12.42
C GLN B 178 15.37 5.60 -13.47
N ILE B 179 14.77 5.39 -14.64
CA ILE B 179 15.45 4.70 -15.71
C ILE B 179 16.61 5.54 -16.27
N ALA B 180 16.43 6.85 -16.43
CA ALA B 180 17.52 7.72 -16.87
C ALA B 180 18.69 7.67 -15.88
N LYS B 181 18.39 7.78 -14.60
CA LYS B 181 19.43 7.70 -13.57
C LYS B 181 20.10 6.34 -13.61
N GLY B 182 19.29 5.31 -13.78
CA GLY B 182 19.79 3.95 -13.92
C GLY B 182 20.72 3.80 -15.10
N MET B 183 20.48 4.55 -16.17
CA MET B 183 21.32 4.48 -17.37
C MET B 183 22.51 5.45 -17.32
N GLY B 184 22.76 6.09 -16.18
CA GLY B 184 23.91 7.01 -16.06
C GLY B 184 23.66 8.44 -16.55
N ALA B 185 22.40 8.85 -16.70
CA ALA B 185 22.09 10.24 -17.12
C ALA B 185 21.94 11.20 -15.93
N LYS B 186 22.13 12.50 -16.15
CA LYS B 186 21.69 13.50 -15.17
C LYS B 186 20.28 13.89 -15.54
N VAL B 187 19.46 14.12 -14.52
CA VAL B 187 18.05 14.46 -14.71
C VAL B 187 17.71 15.79 -14.09
N ILE B 188 17.12 16.65 -14.91
CA ILE B 188 16.44 17.87 -14.46
C ILE B 188 14.96 17.57 -14.61
N ALA B 189 14.21 17.71 -13.50
CA ALA B 189 12.78 17.46 -13.49
C ALA B 189 12.02 18.77 -13.36
N VAL B 190 10.94 18.91 -14.12
CA VAL B 190 10.01 20.05 -13.98
C VAL B 190 8.66 19.54 -13.52
N VAL B 191 8.12 20.16 -12.47
CA VAL B 191 6.83 19.74 -11.90
C VAL B 191 5.73 20.80 -12.12
N ASN B 192 4.58 20.38 -12.64
CA ASN B 192 3.39 21.24 -12.71
C ASN B 192 2.68 21.36 -11.37
N ARG B 193 2.88 20.37 -10.51
CA ARG B 193 2.31 20.36 -9.14
C ARG B 193 3.46 20.62 -8.16
N THR B 194 3.59 21.85 -7.68
CA THR B 194 4.73 22.21 -6.81
C THR B 194 4.82 21.41 -5.49
N ALA B 195 3.67 20.93 -5.00
CA ALA B 195 3.63 20.01 -3.86
C ALA B 195 4.39 18.70 -4.10
N ALA B 196 4.73 18.39 -5.36
CA ALA B 196 5.43 17.12 -5.68
C ALA B 196 6.93 17.25 -5.71
N THR B 197 7.43 18.45 -5.38
CA THR B 197 8.86 18.75 -5.47
C THR B 197 9.75 17.77 -4.69
N GLU B 198 9.42 17.52 -3.42
CA GLU B 198 10.23 16.65 -2.56
C GLU B 198 10.10 15.18 -2.99
N PHE B 199 8.92 14.78 -3.46
CA PHE B 199 8.73 13.44 -4.01
C PHE B 199 9.67 13.22 -5.18
N VAL B 200 9.66 14.16 -6.12
CA VAL B 200 10.48 14.05 -7.36
C VAL B 200 11.97 14.03 -7.02
N LYS B 201 12.38 14.89 -6.08
CA LYS B 201 13.76 14.85 -5.60
C LYS B 201 14.06 13.45 -5.05
N SER B 202 13.15 12.89 -4.24
CA SER B 202 13.39 11.57 -3.64
C SER B 202 13.50 10.46 -4.68
N VAL B 203 12.85 10.63 -5.83
CA VAL B 203 12.90 9.61 -6.90
C VAL B 203 14.26 9.59 -7.60
N GLY B 204 15.01 10.69 -7.47
CA GLY B 204 16.38 10.78 -7.94
C GLY B 204 16.71 11.86 -8.96
N ALA B 205 15.82 12.83 -9.14
CA ALA B 205 16.13 13.99 -9.98
C ALA B 205 17.32 14.76 -9.36
N ASP B 206 18.25 15.19 -10.21
CA ASP B 206 19.40 15.96 -9.76
C ASP B 206 19.01 17.42 -9.46
N ILE B 207 18.10 17.97 -10.27
CA ILE B 207 17.63 19.35 -10.10
C ILE B 207 16.14 19.30 -10.33
N VAL B 208 15.37 19.91 -9.43
CA VAL B 208 13.92 20.02 -9.60
C VAL B 208 13.51 21.48 -9.72
N LEU B 209 12.59 21.76 -10.64
CA LEU B 209 12.18 23.13 -10.95
C LEU B 209 10.68 23.16 -11.11
N PRO B 210 10.05 24.25 -10.66
CA PRO B 210 8.61 24.38 -10.85
C PRO B 210 8.25 24.88 -12.25
N LEU B 211 7.09 24.48 -12.77
CA LEU B 211 6.63 24.97 -14.06
C LEU B 211 5.97 26.32 -13.82
N GLU B 212 6.77 27.38 -13.85
CA GLU B 212 6.30 28.75 -13.63
C GLU B 212 6.91 29.61 -14.74
N GLU B 213 6.53 30.88 -14.84
CA GLU B 213 7.12 31.77 -15.85
C GLU B 213 8.63 31.69 -15.83
N GLY B 214 9.23 31.55 -17.02
CA GLY B 214 10.69 31.52 -17.16
C GLY B 214 11.36 30.18 -16.89
N TRP B 215 10.59 29.11 -16.72
CA TRP B 215 11.21 27.81 -16.41
C TRP B 215 12.16 27.32 -17.48
N ALA B 216 11.85 27.60 -18.75
CA ALA B 216 12.73 27.21 -19.86
C ALA B 216 14.11 27.83 -19.72
N LYS B 217 14.15 29.12 -19.38
CA LYS B 217 15.39 29.82 -19.13
C LYS B 217 16.10 29.24 -17.92
N ALA B 218 15.36 28.90 -16.87
CA ALA B 218 15.96 28.26 -15.70
C ALA B 218 16.57 26.89 -16.05
N VAL B 219 15.89 26.09 -16.87
CA VAL B 219 16.46 24.81 -17.29
C VAL B 219 17.79 25.04 -18.02
N ARG B 220 17.81 25.97 -18.97
CA ARG B 220 19.05 26.33 -19.66
C ARG B 220 20.17 26.71 -18.70
N GLU B 221 19.86 27.57 -17.73
CA GLU B 221 20.85 28.08 -16.80
C GLU B 221 21.40 26.94 -15.95
N ALA B 222 20.53 26.01 -15.59
CA ALA B 222 20.94 24.79 -14.89
C ALA B 222 21.95 23.95 -15.65
N THR B 223 22.02 24.11 -16.97
CA THR B 223 23.00 23.39 -17.79
C THR B 223 24.16 24.28 -18.24
N GLY B 224 24.32 25.42 -17.57
CA GLY B 224 25.35 26.38 -17.94
C GLY B 224 25.14 26.96 -19.34
N GLY B 225 23.88 27.10 -19.74
CA GLY B 225 23.53 27.67 -21.05
C GLY B 225 23.64 26.78 -22.27
N ALA B 226 24.10 25.54 -22.12
CA ALA B 226 24.26 24.63 -23.28
C ALA B 226 22.94 23.93 -23.69
N GLY B 227 21.99 23.86 -22.76
CA GLY B 227 20.72 23.17 -23.00
C GLY B 227 20.79 21.69 -22.68
N VAL B 228 19.64 21.01 -22.73
CA VAL B 228 19.61 19.59 -22.40
C VAL B 228 19.72 18.77 -23.67
N ASP B 229 20.17 17.53 -23.51
CA ASP B 229 20.35 16.63 -24.64
C ASP B 229 19.05 16.00 -25.08
N MET B 230 18.16 15.80 -24.10
CA MET B 230 16.90 15.10 -24.31
C MET B 230 15.82 15.65 -23.38
N VAL B 231 14.62 15.72 -23.93
CA VAL B 231 13.46 16.11 -23.15
C VAL B 231 12.47 14.95 -23.23
N VAL B 232 11.91 14.56 -22.09
CA VAL B 232 10.81 13.62 -22.04
C VAL B 232 9.52 14.40 -21.74
N ASP B 233 8.56 14.32 -22.67
CA ASP B 233 7.33 15.09 -22.56
C ASP B 233 6.10 14.18 -22.60
N PRO B 234 5.54 13.86 -21.42
CA PRO B 234 4.28 13.11 -21.35
C PRO B 234 3.08 14.02 -21.20
N ILE B 235 3.30 15.32 -21.27
CA ILE B 235 2.26 16.34 -20.99
C ILE B 235 1.77 17.05 -22.26
N PHE B 240 4.90 23.48 -24.64
CA PHE B 240 5.64 22.64 -25.59
C PHE B 240 6.76 23.39 -26.31
N ASP B 241 6.43 24.50 -26.97
CA ASP B 241 7.45 25.33 -27.63
C ASP B 241 8.50 25.81 -26.61
N ASP B 242 8.08 25.97 -25.36
CA ASP B 242 9.03 26.25 -24.30
C ASP B 242 9.98 25.05 -24.13
N ALA B 243 9.46 23.83 -24.18
CA ALA B 243 10.29 22.64 -24.00
C ALA B 243 11.40 22.59 -25.05
N VAL B 244 11.02 22.80 -26.31
CA VAL B 244 11.97 22.86 -27.43
C VAL B 244 13.10 23.86 -27.13
N ARG B 245 12.77 25.01 -26.57
CA ARG B 245 13.76 26.04 -26.25
C ARG B 245 14.85 25.57 -25.30
N THR B 246 14.62 24.49 -24.55
CA THR B 246 15.64 24.05 -23.60
C THR B 246 16.67 23.13 -24.26
N LEU B 247 16.46 22.79 -25.54
CA LEU B 247 17.26 21.76 -26.16
C LEU B 247 18.65 22.26 -26.60
N ALA B 248 19.66 21.42 -26.39
CA ALA B 248 20.98 21.65 -26.97
C ALA B 248 20.90 21.44 -28.46
N SER B 249 21.92 21.90 -29.17
CA SER B 249 22.05 21.53 -30.58
C SER B 249 22.00 20.01 -30.77
N GLU B 250 21.24 19.56 -31.76
CA GLU B 250 21.05 18.15 -32.02
C GLU B 250 20.43 17.39 -30.85
N GLY B 251 19.77 18.10 -29.95
CA GLY B 251 19.02 17.47 -28.86
C GLY B 251 17.76 16.79 -29.39
N ARG B 252 17.08 16.02 -28.54
CA ARG B 252 15.84 15.41 -29.00
C ARG B 252 14.75 15.44 -27.93
N LEU B 253 13.52 15.59 -28.40
CA LEU B 253 12.37 15.68 -27.51
C LEU B 253 11.49 14.46 -27.78
N LEU B 254 11.31 13.62 -26.77
CA LEU B 254 10.45 12.45 -26.87
C LEU B 254 9.04 12.79 -26.41
N VAL B 255 8.07 12.56 -27.29
CA VAL B 255 6.65 12.78 -27.01
C VAL B 255 6.10 11.39 -26.69
N VAL B 256 5.72 11.19 -25.42
CA VAL B 256 5.32 9.87 -24.91
C VAL B 256 3.83 9.85 -24.57
N LYS B 267 -0.05 18.79 -32.12
CA LYS B 267 1.09 19.60 -31.64
C LYS B 267 1.68 20.45 -32.76
N VAL B 268 1.70 21.76 -32.55
CA VAL B 268 2.34 22.71 -33.47
C VAL B 268 3.79 23.03 -33.02
N ASN B 269 4.74 23.01 -33.95
CA ASN B 269 6.15 23.36 -33.66
C ASN B 269 6.72 24.44 -34.60
N ARG B 270 7.60 25.28 -34.05
CA ARG B 270 8.08 26.49 -34.71
C ARG B 270 9.37 26.33 -35.55
N LEU B 271 9.97 27.47 -35.89
CA LEU B 271 11.31 27.51 -36.48
C LEU B 271 12.43 27.41 -35.43
N LEU B 272 12.07 27.44 -34.14
CA LEU B 272 13.03 27.19 -33.02
C LEU B 272 13.40 25.70 -32.90
N LEU B 273 12.82 24.86 -33.76
CA LEU B 273 13.23 23.44 -33.88
C LEU B 273 14.75 23.34 -34.14
N ARG B 274 15.30 24.23 -34.98
CA ARG B 274 16.73 24.25 -35.28
C ARG B 274 17.15 22.84 -35.76
N ASN B 275 18.24 22.34 -35.20
CA ASN B 275 18.63 21.00 -35.45
C ASN B 275 18.30 20.08 -34.28
N ALA B 276 17.09 20.24 -33.75
CA ALA B 276 16.50 19.32 -32.78
C ALA B 276 15.57 18.34 -33.51
N SER B 277 15.30 17.22 -32.87
CA SER B 277 14.38 16.20 -33.38
C SER B 277 13.17 16.01 -32.46
N LEU B 278 11.99 15.86 -33.05
CA LEU B 278 10.79 15.46 -32.29
C LEU B 278 10.56 13.98 -32.57
N ILE B 279 10.66 13.18 -31.51
CA ILE B 279 10.75 11.71 -31.59
C ILE B 279 9.48 11.10 -31.00
N GLY B 280 8.65 10.55 -31.86
CA GLY B 280 7.38 9.97 -31.44
C GLY B 280 7.64 8.65 -30.76
N VAL B 281 6.93 8.41 -29.64
CA VAL B 281 7.08 7.16 -28.86
C VAL B 281 5.69 6.53 -28.70
N ALA B 282 5.47 5.38 -29.34
CA ALA B 282 4.18 4.67 -29.28
C ALA B 282 4.49 3.17 -29.06
N TRP B 283 4.61 2.82 -27.80
CA TRP B 283 5.19 1.54 -27.39
C TRP B 283 4.31 0.35 -27.74
N GLY B 284 3.02 0.50 -27.43
CA GLY B 284 2.01 -0.52 -27.78
C GLY B 284 2.06 -0.84 -29.25
N GLU B 285 2.04 0.19 -30.08
CA GLU B 285 2.07 -0.01 -31.52
C GLU B 285 3.37 -0.68 -31.94
N PHE B 286 4.48 -0.26 -31.34
CA PHE B 286 5.76 -0.86 -31.68
C PHE B 286 5.79 -2.34 -31.30
N LEU B 287 5.31 -2.64 -30.08
CA LEU B 287 5.35 -4.00 -29.56
C LEU B 287 4.53 -4.95 -30.45
N ARG B 288 3.43 -4.44 -30.99
CA ARG B 288 2.57 -5.22 -31.87
C ARG B 288 3.33 -5.78 -33.09
N THR B 289 4.31 -5.04 -33.63
CA THR B 289 5.08 -5.49 -34.79
C THR B 289 6.51 -5.91 -34.43
N HIS B 290 6.87 -5.90 -33.15
CA HIS B 290 8.24 -6.25 -32.72
C HIS B 290 8.18 -6.99 -31.44
N ALA B 291 7.44 -8.11 -31.42
CA ALA B 291 7.15 -8.78 -30.17
C ALA B 291 8.39 -9.14 -29.39
N ASP B 292 9.43 -9.54 -30.08
CA ASP B 292 10.65 -9.97 -29.42
C ASP B 292 11.39 -8.85 -28.72
N TYR B 293 11.11 -7.58 -29.05
CA TYR B 293 11.78 -6.49 -28.33
C TYR B 293 11.42 -6.52 -26.84
N LEU B 294 10.24 -7.06 -26.52
CA LEU B 294 9.83 -7.27 -25.13
C LEU B 294 10.86 -8.05 -24.29
N TYR B 295 11.59 -9.00 -24.89
CA TYR B 295 12.64 -9.72 -24.12
C TYR B 295 13.74 -8.74 -23.72
N GLU B 296 14.04 -7.81 -24.64
CA GLU B 296 15.05 -6.80 -24.40
C GLU B 296 14.64 -5.77 -23.35
N THR B 297 13.39 -5.32 -23.37
CA THR B 297 12.95 -4.38 -22.30
C THR B 297 12.89 -5.08 -20.94
N GLN B 298 12.40 -6.31 -20.88
CA GLN B 298 12.36 -7.05 -19.62
C GLN B 298 13.76 -7.25 -19.04
N ALA B 299 14.69 -7.69 -19.89
CA ALA B 299 16.07 -7.97 -19.45
C ALA B 299 16.70 -6.70 -18.92
N GLY B 300 16.53 -5.59 -19.64
CA GLY B 300 17.08 -4.33 -19.20
C GLY B 300 16.52 -3.88 -17.86
N LEU B 301 15.21 -4.01 -17.69
CA LEU B 301 14.58 -3.60 -16.44
C LEU B 301 14.97 -4.53 -15.28
N GLU B 302 15.05 -5.82 -15.53
CA GLU B 302 15.50 -6.77 -14.51
C GLU B 302 16.90 -6.41 -13.99
N LYS B 303 17.74 -5.89 -14.87
CA LYS B 303 19.10 -5.50 -14.51
C LYS B 303 19.07 -4.21 -13.69
N LEU B 304 18.29 -3.23 -14.12
CA LEU B 304 18.10 -2.02 -13.34
C LEU B 304 17.57 -2.35 -11.95
N VAL B 305 16.64 -3.28 -11.83
CA VAL B 305 16.06 -3.67 -10.51
C VAL B 305 17.11 -4.37 -9.62
N ALA B 306 17.88 -5.27 -10.23
CA ALA B 306 19.01 -5.91 -9.56
C ALA B 306 19.95 -4.87 -9.00
N GLU B 307 20.15 -3.80 -9.76
CA GLU B 307 21.09 -2.76 -9.39
C GLU B 307 20.52 -1.78 -8.36
N GLY B 308 19.23 -1.91 -8.06
CA GLY B 308 18.59 -1.20 -6.95
C GLY B 308 17.33 -0.42 -7.27
N MET B 309 16.94 -0.36 -8.54
CA MET B 309 15.77 0.43 -8.89
C MET B 309 14.49 -0.12 -8.24
N ARG B 310 13.75 0.74 -7.56
CA ARG B 310 12.47 0.35 -6.96
C ARG B 310 11.42 1.38 -7.42
N PRO B 311 10.50 0.96 -8.30
CA PRO B 311 9.39 1.83 -8.68
C PRO B 311 8.60 2.31 -7.48
N PRO B 312 8.51 3.64 -7.31
CA PRO B 312 7.68 4.16 -6.20
C PRO B 312 6.21 3.87 -6.40
N VAL B 313 5.56 3.36 -5.35
CA VAL B 313 4.14 3.18 -5.32
C VAL B 313 3.61 4.03 -4.18
N SER B 314 2.78 5.02 -4.53
CA SER B 314 2.32 5.98 -3.56
C SER B 314 1.00 5.60 -2.88
N ALA B 315 0.20 4.78 -3.55
CA ALA B 315 -1.12 4.44 -3.09
C ALA B 315 -1.42 2.98 -3.44
N ARG B 316 -1.93 2.25 -2.47
CA ARG B 316 -2.45 0.89 -2.67
C ARG B 316 -3.84 0.90 -2.07
N ILE B 317 -4.84 0.87 -2.98
CA ILE B 317 -6.21 1.13 -2.67
C ILE B 317 -6.97 -0.19 -2.78
N PRO B 318 -7.83 -0.51 -1.81
CA PRO B 318 -8.56 -1.73 -1.94
C PRO B 318 -9.38 -1.73 -3.26
N LEU B 319 -9.44 -2.88 -3.92
CA LEU B 319 -10.23 -3.06 -5.14
C LEU B 319 -11.67 -2.58 -4.97
N SER B 320 -12.24 -2.82 -3.80
CA SER B 320 -13.55 -2.33 -3.44
C SER B 320 -13.72 -0.81 -3.55
N GLU B 321 -12.64 -0.06 -3.42
CA GLU B 321 -12.70 1.38 -3.55
C GLU B 321 -12.13 1.85 -4.88
N GLY B 322 -12.17 0.99 -5.90
CA GLY B 322 -11.67 1.35 -7.25
C GLY B 322 -12.24 2.61 -7.87
N ARG B 323 -13.51 2.90 -7.61
CA ARG B 323 -14.06 4.17 -8.14
C ARG B 323 -13.30 5.37 -7.59
N GLN B 324 -13.20 5.47 -6.28
CA GLN B 324 -12.48 6.56 -5.68
C GLN B 324 -11.02 6.59 -6.11
N ALA B 325 -10.41 5.42 -6.28
CA ALA B 325 -9.02 5.36 -6.71
C ALA B 325 -8.89 6.06 -8.08
N LEU B 326 -9.75 5.66 -8.99
CA LEU B 326 -9.68 6.17 -10.36
C LEU B 326 -10.04 7.66 -10.43
N GLN B 327 -10.95 8.10 -9.56
CA GLN B 327 -11.26 9.55 -9.48
C GLN B 327 -10.03 10.33 -9.02
N ASP B 328 -9.35 9.83 -7.99
CA ASP B 328 -8.14 10.49 -7.49
C ASP B 328 -7.08 10.58 -8.57
N PHE B 329 -6.94 9.47 -9.32
CA PHE B 329 -6.03 9.45 -10.44
C PHE B 329 -6.37 10.51 -11.50
N ALA B 330 -7.64 10.56 -11.90
CA ALA B 330 -8.15 11.59 -12.85
C ALA B 330 -8.01 13.04 -12.31
N ASP B 331 -8.18 13.22 -11.00
CA ASP B 331 -8.01 14.56 -10.37
C ASP B 331 -6.55 14.99 -10.23
N GLY B 332 -5.60 14.17 -10.66
CA GLY B 332 -4.20 14.53 -10.59
C GLY B 332 -3.55 14.40 -9.22
N LYS B 333 -4.09 13.53 -8.37
CA LYS B 333 -3.52 13.36 -7.04
C LYS B 333 -2.36 12.36 -6.92
N VAL B 334 -2.11 11.56 -7.97
CA VAL B 334 -1.21 10.41 -7.84
C VAL B 334 0.22 10.77 -8.20
N TYR B 335 1.15 10.51 -7.28
CA TYR B 335 2.57 10.61 -7.54
C TYR B 335 3.09 9.20 -7.76
N GLY B 336 3.93 9.01 -8.78
CA GLY B 336 4.42 7.68 -9.11
C GLY B 336 3.29 6.78 -9.60
N LYS B 337 3.19 5.60 -9.02
CA LYS B 337 2.17 4.63 -9.40
C LYS B 337 1.15 4.38 -8.26
N MET B 338 -0.12 4.19 -8.66
CA MET B 338 -1.17 3.72 -7.80
C MET B 338 -1.60 2.32 -8.20
N VAL B 339 -1.92 1.49 -7.22
CA VAL B 339 -2.47 0.15 -7.49
C VAL B 339 -3.68 -0.10 -6.66
N LEU B 340 -4.45 -1.05 -7.17
CA LEU B 340 -5.58 -1.59 -6.49
C LEU B 340 -5.20 -2.95 -5.93
N VAL B 341 -5.62 -3.21 -4.68
CA VAL B 341 -5.30 -4.46 -3.98
C VAL B 341 -6.57 -5.23 -3.68
N PRO B 342 -6.76 -6.38 -4.31
CA PRO B 342 -8.01 -7.14 -4.16
C PRO B 342 -8.19 -7.64 -2.75
#